data_1IOM
#
_entry.id   1IOM
#
_cell.length_a   84.55
_cell.length_b   84.55
_cell.length_c   153.52
_cell.angle_alpha   90
_cell.angle_beta   90
_cell.angle_gamma   90
#
_symmetry.space_group_name_H-M   'P 43 21 2'
#
loop_
_entity.id
_entity.type
_entity.pdbx_description
1 polymer 'CITRATE SYNTHASE'
2 non-polymer 'SULFATE ION'
3 non-polymer 'CARBONATE ION'
4 non-polymer GLYCEROL
5 water water
#
_entity_poly.entity_id   1
_entity_poly.type   'polypeptide(L)'
_entity_poly.pdbx_seq_one_letter_code
;MEVARGLEGVLFTESRMCYIDGQQGKLYYYGIPIQELAEKSSFEETTFLLLHGRLPRRQELEEFSAALARRRALPAHLLE
SFKRYPVSAHPMSFLRTAVSEFGMLDPTEGDISREALYEKGLDLIAKFATIVAANKRLKEGKEPIPPREDLSHAANFLYM
ANGVEPSPEQARLMDAALILHAEHGFNASTFTAIAAFSTETDLYSAITAAVASLKGPRHGGANEAVMRMIQEIGTPERAR
EWVREKLAKKERIMGMGHRVYKAFDPRAGVLEKLARLVAEKHGHSKEYQILKIVEEEAGKVLNPRGIYPNVDFYSGVVYS
DLGFSLEFFTPIFAVARISGWVGHILEYQELDNRLLRPGAKYVGELDVPYVPLEARE
;
_entity_poly.pdbx_strand_id   A
#
loop_
_chem_comp.id
_chem_comp.type
_chem_comp.name
_chem_comp.formula
CO3 non-polymer 'CARBONATE ION' 'C O3 -2'
GOL non-polymer GLYCEROL 'C3 H8 O3'
SO4 non-polymer 'SULFATE ION' 'O4 S -2'
#
# COMPACT_ATOMS: atom_id res chain seq x y z
N VAL A 3 -21.79 -19.48 -13.30
CA VAL A 3 -20.61 -19.28 -12.41
C VAL A 3 -19.83 -18.02 -12.77
N ALA A 4 -19.72 -17.12 -11.80
CA ALA A 4 -19.01 -15.86 -11.99
C ALA A 4 -17.55 -16.03 -11.58
N ARG A 5 -16.74 -16.57 -12.49
CA ARG A 5 -15.33 -16.81 -12.24
C ARG A 5 -14.61 -15.57 -11.73
N GLY A 6 -13.86 -15.73 -10.65
CA GLY A 6 -13.13 -14.62 -10.06
C GLY A 6 -14.01 -13.48 -9.58
N LEU A 7 -15.32 -13.76 -9.49
CA LEU A 7 -16.28 -12.75 -9.07
C LEU A 7 -16.22 -11.55 -10.00
N GLU A 8 -15.71 -11.76 -11.21
CA GLU A 8 -15.59 -10.70 -12.20
C GLU A 8 -16.96 -10.11 -12.55
N GLY A 9 -17.07 -8.80 -12.47
CA GLY A 9 -18.33 -8.14 -12.78
C GLY A 9 -19.37 -8.18 -11.70
N VAL A 10 -19.08 -8.90 -10.61
CA VAL A 10 -20.03 -9.01 -9.52
C VAL A 10 -19.91 -7.82 -8.56
N LEU A 11 -21.04 -7.19 -8.27
CA LEU A 11 -21.09 -6.06 -7.34
C LEU A 11 -21.80 -6.64 -6.12
N PHE A 12 -21.13 -6.60 -4.96
CA PHE A 12 -21.71 -7.18 -3.76
C PHE A 12 -22.15 -6.19 -2.69
N THR A 13 -21.77 -4.93 -2.85
CA THR A 13 -22.13 -3.92 -1.86
C THR A 13 -22.09 -2.53 -2.51
N GLU A 14 -22.40 -1.50 -1.73
CA GLU A 14 -22.37 -0.13 -2.23
C GLU A 14 -21.30 0.64 -1.48
N SER A 15 -20.68 1.62 -2.14
CA SER A 15 -19.63 2.39 -1.49
C SER A 15 -19.60 3.84 -1.97
N ARG A 16 -19.12 4.74 -1.11
CA ARG A 16 -19.00 6.15 -1.44
C ARG A 16 -17.53 6.55 -1.40
N MET A 17 -16.68 5.62 -1.00
CA MET A 17 -15.26 5.90 -0.84
C MET A 17 -14.41 6.19 -2.06
N CYS A 18 -14.37 5.26 -2.99
CA CYS A 18 -13.50 5.41 -4.13
C CYS A 18 -14.14 5.25 -5.50
N TYR A 19 -14.00 6.30 -6.31
CA TYR A 19 -14.54 6.27 -7.67
C TYR A 19 -13.35 6.08 -8.60
N ILE A 20 -13.41 5.02 -9.41
CA ILE A 20 -12.35 4.73 -10.36
C ILE A 20 -12.89 4.64 -11.78
N ASP A 21 -12.34 5.45 -12.67
CA ASP A 21 -12.71 5.41 -14.09
C ASP A 21 -11.41 5.18 -14.81
N GLY A 22 -11.04 3.91 -14.96
CA GLY A 22 -9.78 3.58 -15.62
C GLY A 22 -9.69 4.07 -17.05
N GLN A 23 -10.80 3.98 -17.78
CA GLN A 23 -10.83 4.41 -19.17
C GLN A 23 -10.50 5.90 -19.33
N GLN A 24 -10.99 6.72 -18.41
CA GLN A 24 -10.75 8.15 -18.48
C GLN A 24 -9.66 8.68 -17.54
N GLY A 25 -9.03 7.79 -16.78
CA GLY A 25 -7.98 8.21 -15.88
C GLY A 25 -8.42 9.04 -14.68
N LYS A 26 -9.52 8.64 -14.05
CA LYS A 26 -10.02 9.35 -12.88
C LYS A 26 -10.00 8.47 -11.64
N LEU A 27 -9.57 9.06 -10.54
CA LEU A 27 -9.52 8.38 -9.24
C LEU A 27 -9.87 9.41 -8.18
N TYR A 28 -10.96 9.18 -7.45
N TYR A 28 -10.96 9.17 -7.45
CA TYR A 28 -11.38 10.10 -6.40
CA TYR A 28 -11.42 10.07 -6.41
C TYR A 28 -11.43 9.41 -5.05
C TYR A 28 -11.46 9.40 -5.04
N TYR A 29 -11.21 10.18 -3.99
CA TYR A 29 -11.28 9.70 -2.62
C TYR A 29 -12.44 10.56 -2.11
N TYR A 30 -13.58 9.94 -1.82
CA TYR A 30 -14.77 10.67 -1.37
C TYR A 30 -15.09 11.86 -2.27
N GLY A 31 -14.99 11.62 -3.58
CA GLY A 31 -15.30 12.64 -4.56
C GLY A 31 -14.20 13.62 -4.95
N ILE A 32 -13.11 13.63 -4.21
CA ILE A 32 -12.02 14.55 -4.50
C ILE A 32 -10.94 13.89 -5.36
N PRO A 33 -10.53 14.55 -6.46
CA PRO A 33 -9.50 13.99 -7.35
C PRO A 33 -8.20 13.70 -6.63
N ILE A 34 -7.63 12.54 -6.90
CA ILE A 34 -6.37 12.15 -6.27
C ILE A 34 -5.23 13.13 -6.56
N GLN A 35 -5.22 13.72 -7.74
CA GLN A 35 -4.13 14.66 -8.08
C GLN A 35 -4.12 15.85 -7.13
N GLU A 36 -5.30 16.31 -6.74
CA GLU A 36 -5.44 17.43 -5.82
C GLU A 36 -4.91 17.06 -4.45
N LEU A 37 -5.31 15.88 -3.97
CA LEU A 37 -4.88 15.41 -2.66
C LEU A 37 -3.37 15.17 -2.60
N ALA A 38 -2.83 14.50 -3.61
CA ALA A 38 -1.40 14.21 -3.63
C ALA A 38 -0.58 15.48 -3.62
N GLU A 39 -1.04 16.51 -4.32
CA GLU A 39 -0.31 17.76 -4.40
C GLU A 39 -0.51 18.69 -3.20
N LYS A 40 -1.74 18.83 -2.74
CA LYS A 40 -2.07 19.76 -1.66
C LYS A 40 -2.34 19.22 -0.27
N SER A 41 -2.63 17.92 -0.16
CA SER A 41 -2.95 17.34 1.14
C SER A 41 -1.74 16.75 1.87
N SER A 42 -2.02 15.98 2.90
CA SER A 42 -1.00 15.30 3.70
C SER A 42 -1.57 13.92 4.00
N PHE A 43 -0.72 12.97 4.38
CA PHE A 43 -1.26 11.65 4.68
C PHE A 43 -2.26 11.74 5.82
N GLU A 44 -1.99 12.62 6.79
CA GLU A 44 -2.91 12.79 7.91
C GLU A 44 -4.27 13.31 7.45
N GLU A 45 -4.28 14.35 6.63
CA GLU A 45 -5.53 14.93 6.14
C GLU A 45 -6.29 13.97 5.23
N THR A 46 -5.56 13.28 4.35
CA THR A 46 -6.20 12.32 3.45
C THR A 46 -6.74 11.15 4.25
N THR A 47 -6.05 10.78 5.33
CA THR A 47 -6.53 9.69 6.18
C THR A 47 -7.83 10.15 6.85
N PHE A 48 -7.86 11.39 7.32
CA PHE A 48 -9.08 11.92 7.94
C PHE A 48 -10.23 11.79 6.94
N LEU A 49 -9.96 12.20 5.70
CA LEU A 49 -10.96 12.14 4.64
C LEU A 49 -11.48 10.71 4.43
N LEU A 50 -10.56 9.75 4.39
CA LEU A 50 -10.94 8.35 4.17
C LEU A 50 -11.73 7.74 5.33
N LEU A 51 -11.56 8.27 6.53
CA LEU A 51 -12.27 7.74 7.70
C LEU A 51 -13.56 8.49 8.03
N HIS A 52 -13.58 9.80 7.75
CA HIS A 52 -14.73 10.63 8.06
C HIS A 52 -15.62 11.00 6.88
N GLY A 53 -15.13 10.80 5.67
CA GLY A 53 -15.93 11.10 4.49
C GLY A 53 -15.91 12.55 4.04
N ARG A 54 -15.10 13.37 4.71
CA ARG A 54 -14.99 14.79 4.37
C ARG A 54 -13.65 15.34 4.84
N LEU A 55 -13.26 16.49 4.28
CA LEU A 55 -12.01 17.11 4.68
C LEU A 55 -12.20 17.70 6.07
N PRO A 56 -11.15 17.71 6.89
CA PRO A 56 -11.21 18.24 8.25
C PRO A 56 -11.04 19.75 8.30
N ARG A 57 -11.62 20.38 9.33
CA ARG A 57 -11.45 21.80 9.51
C ARG A 57 -10.07 21.94 10.14
N ARG A 58 -9.52 23.15 10.16
CA ARG A 58 -8.19 23.38 10.70
C ARG A 58 -7.97 22.75 12.09
N GLN A 59 -8.85 23.06 13.03
CA GLN A 59 -8.71 22.52 14.38
C GLN A 59 -8.80 20.99 14.39
N GLU A 60 -9.72 20.44 13.61
CA GLU A 60 -9.89 19.00 13.54
C GLU A 60 -8.61 18.33 13.03
N LEU A 61 -8.00 18.92 11.99
CA LEU A 61 -6.78 18.37 11.43
C LEU A 61 -5.63 18.41 12.41
N GLU A 62 -5.48 19.52 13.12
CA GLU A 62 -4.41 19.65 14.10
C GLU A 62 -4.53 18.56 15.17
N GLU A 63 -5.74 18.39 15.69
CA GLU A 63 -5.98 17.39 16.73
C GLU A 63 -5.84 15.97 16.19
N PHE A 64 -6.30 15.75 14.96
CA PHE A 64 -6.21 14.42 14.35
C PHE A 64 -4.75 14.03 14.12
N SER A 65 -3.95 14.96 13.60
CA SER A 65 -2.55 14.68 13.35
C SER A 65 -1.82 14.41 14.66
N ALA A 66 -2.20 15.14 15.71
CA ALA A 66 -1.57 14.96 17.01
C ALA A 66 -1.97 13.62 17.62
N ALA A 67 -3.23 13.23 17.40
CA ALA A 67 -3.74 11.96 17.91
C ALA A 67 -2.96 10.81 17.30
N LEU A 68 -2.70 10.88 16.00
CA LEU A 68 -1.94 9.83 15.33
C LEU A 68 -0.50 9.84 15.84
N ALA A 69 0.09 11.03 15.96
CA ALA A 69 1.47 11.15 16.42
C ALA A 69 1.70 10.50 17.78
N ARG A 70 0.75 10.70 18.70
CA ARG A 70 0.87 10.14 20.04
C ARG A 70 0.78 8.62 20.04
N ARG A 71 0.18 8.06 18.99
CA ARG A 71 0.01 6.62 18.88
C ARG A 71 1.07 5.89 18.05
N ARG A 72 2.06 6.62 17.56
CA ARG A 72 3.10 6.00 16.74
C ARG A 72 3.94 4.96 17.46
N ALA A 73 4.30 5.25 18.70
CA ALA A 73 5.14 4.35 19.48
C ALA A 73 4.51 2.99 19.76
N LEU A 74 5.30 1.94 19.58
CA LEU A 74 4.85 0.57 19.83
C LEU A 74 5.09 0.21 21.27
N PRO A 75 4.27 -0.71 21.82
CA PRO A 75 4.47 -1.10 23.21
C PRO A 75 5.79 -1.84 23.38
N ALA A 76 6.44 -1.67 24.52
CA ALA A 76 7.71 -2.31 24.79
C ALA A 76 7.60 -3.83 24.61
N HIS A 77 6.46 -4.39 24.98
CA HIS A 77 6.27 -5.83 24.84
C HIS A 77 6.51 -6.28 23.40
N LEU A 78 5.93 -5.55 22.46
CA LEU A 78 6.07 -5.89 21.05
C LEU A 78 7.48 -5.64 20.53
N LEU A 79 8.09 -4.53 20.93
CA LEU A 79 9.45 -4.24 20.49
C LEU A 79 10.39 -5.34 20.98
N GLU A 80 10.11 -5.88 22.17
CA GLU A 80 10.93 -6.95 22.72
C GLU A 80 10.75 -8.20 21.84
N SER A 81 9.51 -8.51 21.49
CA SER A 81 9.24 -9.67 20.65
C SER A 81 9.94 -9.56 19.30
N PHE A 82 10.00 -8.36 18.74
CA PHE A 82 10.65 -8.13 17.45
C PHE A 82 12.10 -8.61 17.44
N LYS A 83 12.74 -8.61 18.60
CA LYS A 83 14.14 -9.04 18.68
C LYS A 83 14.34 -10.47 18.23
N ARG A 84 13.32 -11.31 18.39
CA ARG A 84 13.44 -12.71 17.97
C ARG A 84 12.72 -13.04 16.67
N TYR A 85 11.92 -12.12 16.15
CA TYR A 85 11.24 -12.35 14.87
C TYR A 85 12.38 -12.64 13.88
N PRO A 86 12.29 -13.73 13.12
CA PRO A 86 13.34 -14.06 12.15
C PRO A 86 13.69 -12.89 11.24
N VAL A 87 14.92 -12.41 11.34
CA VAL A 87 15.36 -11.27 10.52
C VAL A 87 15.40 -11.64 9.04
N SER A 88 15.48 -12.93 8.76
CA SER A 88 15.54 -13.43 7.38
C SER A 88 14.16 -13.55 6.74
N ALA A 89 13.12 -13.40 7.54
CA ALA A 89 11.76 -13.52 7.04
C ALA A 89 11.29 -12.37 6.16
N HIS A 90 10.32 -12.70 5.31
CA HIS A 90 9.70 -11.74 4.40
C HIS A 90 9.15 -10.60 5.25
N PRO A 91 9.43 -9.34 4.87
CA PRO A 91 8.93 -8.21 5.65
C PRO A 91 7.41 -8.19 5.83
N MET A 92 6.67 -8.73 4.86
CA MET A 92 5.22 -8.75 5.01
C MET A 92 4.81 -9.79 6.05
N SER A 93 5.64 -10.82 6.25
CA SER A 93 5.34 -11.84 7.25
C SER A 93 5.62 -11.24 8.62
N PHE A 94 6.62 -10.36 8.68
CA PHE A 94 6.98 -9.67 9.91
C PHE A 94 5.78 -8.78 10.27
N LEU A 95 5.27 -8.04 9.29
CA LEU A 95 4.13 -7.15 9.51
C LEU A 95 2.88 -7.94 9.91
N ARG A 96 2.63 -9.03 9.20
CA ARG A 96 1.49 -9.91 9.47
C ARG A 96 1.52 -10.36 10.94
N THR A 97 2.68 -10.82 11.38
CA THR A 97 2.83 -11.29 12.75
C THR A 97 2.72 -10.15 13.77
N ALA A 98 3.33 -9.01 13.46
CA ALA A 98 3.28 -7.86 14.36
C ALA A 98 1.85 -7.40 14.64
N VAL A 99 1.04 -7.31 13.59
CA VAL A 99 -0.34 -6.88 13.78
C VAL A 99 -1.08 -7.90 14.63
N SER A 100 -0.89 -9.18 14.33
CA SER A 100 -1.56 -10.23 15.07
C SER A 100 -1.16 -10.25 16.55
N GLU A 101 0.15 -10.15 16.81
CA GLU A 101 0.62 -10.16 18.18
C GLU A 101 0.15 -8.91 18.93
N PHE A 102 0.18 -7.78 18.24
CA PHE A 102 -0.26 -6.52 18.84
C PHE A 102 -1.70 -6.63 19.31
N GLY A 103 -2.55 -7.29 18.52
CA GLY A 103 -3.93 -7.45 18.92
C GLY A 103 -4.07 -8.17 20.25
N MET A 104 -3.18 -9.12 20.52
N MET A 104 -3.17 -9.11 20.51
CA MET A 104 -3.26 -9.86 21.78
CA MET A 104 -3.19 -9.87 21.76
C MET A 104 -3.03 -8.96 22.99
C MET A 104 -2.98 -8.99 22.98
N LEU A 105 -2.37 -7.81 22.77
CA LEU A 105 -2.10 -6.88 23.87
C LEU A 105 -3.25 -5.93 24.15
N ASP A 106 -4.27 -5.94 23.29
CA ASP A 106 -5.41 -5.07 23.46
C ASP A 106 -6.42 -5.69 24.42
N PRO A 107 -6.63 -5.06 25.59
CA PRO A 107 -7.57 -5.59 26.59
C PRO A 107 -9.02 -5.71 26.10
N THR A 108 -9.38 -4.95 25.07
CA THR A 108 -10.72 -5.01 24.50
C THR A 108 -10.60 -5.31 23.01
N GLU A 109 -9.68 -6.21 22.68
CA GLU A 109 -9.42 -6.59 21.30
C GLU A 109 -10.65 -6.84 20.45
N GLY A 110 -11.62 -7.57 21.00
CA GLY A 110 -12.82 -7.91 20.25
C GLY A 110 -13.93 -6.90 20.11
N ASP A 111 -13.76 -5.71 20.68
CA ASP A 111 -14.79 -4.68 20.60
C ASP A 111 -14.87 -4.19 19.15
N ILE A 112 -16.04 -4.33 18.54
CA ILE A 112 -16.21 -3.89 17.15
C ILE A 112 -17.30 -2.83 16.97
N SER A 113 -17.57 -2.04 18.01
CA SER A 113 -18.54 -0.98 17.87
C SER A 113 -17.89 -0.02 16.88
N ARG A 114 -18.67 0.78 16.18
CA ARG A 114 -18.11 1.71 15.20
C ARG A 114 -17.00 2.56 15.80
N GLU A 115 -17.24 3.10 16.99
CA GLU A 115 -16.27 3.95 17.65
C GLU A 115 -15.00 3.19 18.04
N ALA A 116 -15.15 1.94 18.46
CA ALA A 116 -14.00 1.12 18.81
C ALA A 116 -13.15 0.82 17.57
N LEU A 117 -13.82 0.50 16.46
CA LEU A 117 -13.11 0.21 15.21
C LEU A 117 -12.35 1.45 14.78
N TYR A 118 -12.97 2.61 14.92
CA TYR A 118 -12.32 3.85 14.55
C TYR A 118 -11.08 4.12 15.42
N GLU A 119 -11.23 4.03 16.73
CA GLU A 119 -10.10 4.28 17.63
C GLU A 119 -8.98 3.25 17.47
N LYS A 120 -9.33 1.96 17.34
CA LYS A 120 -8.31 0.94 17.16
C LYS A 120 -7.67 1.16 15.79
N GLY A 121 -8.47 1.63 14.84
CA GLY A 121 -7.98 1.90 13.50
C GLY A 121 -6.93 3.00 13.49
N LEU A 122 -7.18 4.07 14.24
CA LEU A 122 -6.21 5.16 14.32
C LEU A 122 -4.90 4.62 14.89
N ASP A 123 -5.02 3.72 15.86
CA ASP A 123 -3.85 3.13 16.49
C ASP A 123 -3.03 2.35 15.46
N LEU A 124 -3.71 1.53 14.63
CA LEU A 124 -3.00 0.76 13.61
C LEU A 124 -2.42 1.65 12.51
N ILE A 125 -3.16 2.69 12.10
CA ILE A 125 -2.67 3.59 11.07
C ILE A 125 -1.38 4.25 11.54
N ALA A 126 -1.36 4.72 12.79
CA ALA A 126 -0.18 5.37 13.31
C ALA A 126 0.98 4.39 13.49
N LYS A 127 0.66 3.18 13.96
CA LYS A 127 1.68 2.18 14.23
C LYS A 127 2.26 1.41 13.04
N PHE A 128 1.54 1.33 11.93
CA PHE A 128 2.04 0.60 10.79
C PHE A 128 3.43 1.07 10.34
N ALA A 129 3.60 2.39 10.23
CA ALA A 129 4.89 2.94 9.81
C ALA A 129 5.99 2.55 10.80
N THR A 130 5.65 2.54 12.08
CA THR A 130 6.62 2.19 13.11
C THR A 130 7.05 0.73 13.00
N ILE A 131 6.08 -0.15 12.73
CA ILE A 131 6.38 -1.58 12.59
C ILE A 131 7.32 -1.83 11.41
N VAL A 132 6.96 -1.25 10.27
CA VAL A 132 7.76 -1.43 9.07
C VAL A 132 9.16 -0.84 9.23
N ALA A 133 9.25 0.34 9.83
CA ALA A 133 10.56 0.96 10.03
C ALA A 133 11.40 0.10 10.97
N ALA A 134 10.77 -0.46 12.00
CA ALA A 134 11.48 -1.31 12.95
C ALA A 134 12.07 -2.52 12.24
N ASN A 135 11.29 -3.13 11.36
CA ASN A 135 11.71 -4.30 10.58
C ASN A 135 12.96 -3.93 9.78
N LYS A 136 12.93 -2.77 9.12
CA LYS A 136 14.06 -2.32 8.32
C LYS A 136 15.31 -2.15 9.17
N ARG A 137 15.16 -1.51 10.32
CA ARG A 137 16.30 -1.30 11.21
C ARG A 137 16.90 -2.63 11.66
N LEU A 138 16.03 -3.57 12.05
CA LEU A 138 16.50 -4.88 12.49
C LEU A 138 17.21 -5.64 11.36
N LYS A 139 16.72 -5.47 10.13
CA LYS A 139 17.33 -6.12 8.97
C LYS A 139 18.75 -5.60 8.77
N GLU A 140 19.01 -4.40 9.28
CA GLU A 140 20.31 -3.75 9.16
C GLU A 140 21.18 -3.98 10.40
N GLY A 141 20.65 -4.74 11.35
CA GLY A 141 21.38 -5.01 12.58
C GLY A 141 21.38 -3.83 13.51
N LYS A 142 20.38 -2.95 13.35
CA LYS A 142 20.27 -1.76 14.18
C LYS A 142 19.02 -1.82 15.07
N GLU A 143 18.90 -0.84 15.97
CA GLU A 143 17.78 -0.77 16.89
C GLU A 143 16.66 0.10 16.35
N PRO A 144 15.39 -0.28 16.62
CA PRO A 144 14.27 0.53 16.13
C PRO A 144 14.43 1.91 16.77
N ILE A 145 13.96 2.94 16.09
CA ILE A 145 14.07 4.31 16.58
C ILE A 145 12.74 4.86 17.10
N PRO A 146 12.73 5.39 18.33
CA PRO A 146 11.50 5.95 18.89
C PRO A 146 10.98 7.07 17.99
N PRO A 147 9.66 7.12 17.79
CA PRO A 147 9.09 8.16 16.94
C PRO A 147 9.30 9.57 17.47
N ARG A 148 9.37 10.52 16.55
N ARG A 148 9.37 10.53 16.55
CA ARG A 148 9.50 11.93 16.89
CA ARG A 148 9.51 11.93 16.93
C ARG A 148 8.15 12.54 16.58
C ARG A 148 8.18 12.57 16.59
N GLU A 149 7.37 12.85 17.62
CA GLU A 149 6.05 13.42 17.44
C GLU A 149 6.00 14.78 16.74
N ASP A 150 7.12 15.49 16.70
CA ASP A 150 7.16 16.79 16.04
C ASP A 150 7.19 16.66 14.52
N LEU A 151 7.55 15.49 14.02
CA LEU A 151 7.60 15.25 12.59
C LEU A 151 6.27 14.75 12.09
N SER A 152 6.00 14.95 10.80
CA SER A 152 4.77 14.48 10.19
C SER A 152 4.85 12.95 10.10
N HIS A 153 3.74 12.31 9.79
CA HIS A 153 3.73 10.85 9.68
C HIS A 153 4.76 10.39 8.66
N ALA A 154 4.77 11.05 7.50
CA ALA A 154 5.70 10.70 6.42
C ALA A 154 7.15 10.99 6.76
N ALA A 155 7.41 12.16 7.34
CA ALA A 155 8.77 12.54 7.70
C ALA A 155 9.30 11.62 8.80
N ASN A 156 8.43 11.30 9.76
CA ASN A 156 8.83 10.43 10.85
C ASN A 156 9.08 9.01 10.37
N PHE A 157 8.33 8.59 9.36
CA PHE A 157 8.52 7.25 8.81
C PHE A 157 9.95 7.15 8.26
N LEU A 158 10.36 8.17 7.51
CA LEU A 158 11.70 8.19 6.95
C LEU A 158 12.75 8.27 8.06
N TYR A 159 12.47 9.10 9.06
CA TYR A 159 13.39 9.26 10.19
C TYR A 159 13.59 7.93 10.92
N MET A 160 12.51 7.22 11.22
CA MET A 160 12.61 5.94 11.92
C MET A 160 13.26 4.87 11.07
N ALA A 161 13.09 4.97 9.75
CA ALA A 161 13.65 3.98 8.84
C ALA A 161 15.12 4.20 8.54
N ASN A 162 15.52 5.46 8.44
CA ASN A 162 16.90 5.79 8.07
C ASN A 162 17.82 6.35 9.16
N GLY A 163 17.25 6.73 10.30
CA GLY A 163 18.07 7.26 11.38
C GLY A 163 18.44 8.73 11.22
N VAL A 164 17.87 9.38 10.21
CA VAL A 164 18.13 10.79 9.96
C VAL A 164 16.86 11.47 9.50
N GLU A 165 16.66 12.72 9.92
CA GLU A 165 15.49 13.48 9.53
C GLU A 165 15.61 13.82 8.05
N PRO A 166 14.55 13.54 7.27
CA PRO A 166 14.57 13.83 5.84
C PRO A 166 14.46 15.31 5.53
N SER A 167 14.81 15.68 4.31
CA SER A 167 14.71 17.06 3.88
C SER A 167 13.23 17.29 3.60
N PRO A 168 12.80 18.56 3.47
CA PRO A 168 11.39 18.81 3.20
C PRO A 168 10.97 18.15 1.88
N GLU A 169 11.89 18.15 0.92
CA GLU A 169 11.61 17.55 -0.40
C GLU A 169 11.39 16.05 -0.29
N GLN A 170 12.21 15.37 0.50
CA GLN A 170 12.07 13.93 0.67
C GLN A 170 10.80 13.59 1.42
N ALA A 171 10.50 14.38 2.45
CA ALA A 171 9.29 14.15 3.24
C ALA A 171 8.04 14.34 2.39
N ARG A 172 8.04 15.38 1.55
CA ARG A 172 6.90 15.64 0.68
C ARG A 172 6.72 14.51 -0.33
N LEU A 173 7.83 13.97 -0.80
CA LEU A 173 7.79 12.87 -1.77
C LEU A 173 7.15 11.64 -1.13
N MET A 174 7.58 11.28 0.08
CA MET A 174 7.01 10.12 0.75
C MET A 174 5.56 10.38 1.12
N ASP A 175 5.27 11.61 1.57
CA ASP A 175 3.91 11.96 1.94
C ASP A 175 2.99 11.78 0.75
N ALA A 176 3.41 12.27 -0.41
CA ALA A 176 2.61 12.12 -1.62
C ALA A 176 2.44 10.65 -1.99
N ALA A 177 3.53 9.88 -1.88
CA ALA A 177 3.47 8.46 -2.20
C ALA A 177 2.43 7.75 -1.33
N LEU A 178 2.40 8.09 -0.05
CA LEU A 178 1.43 7.47 0.85
C LEU A 178 0.00 7.87 0.47
N ILE A 179 -0.21 9.15 0.20
CA ILE A 179 -1.54 9.62 -0.20
C ILE A 179 -1.99 8.88 -1.45
N LEU A 180 -1.08 8.77 -2.41
CA LEU A 180 -1.37 8.11 -3.69
C LEU A 180 -1.74 6.63 -3.59
N HIS A 181 -1.28 5.96 -2.56
CA HIS A 181 -1.56 4.53 -2.39
C HIS A 181 -2.49 4.22 -1.23
N ALA A 182 -3.01 5.26 -0.58
CA ALA A 182 -3.87 5.06 0.58
C ALA A 182 -5.17 4.31 0.32
N GLU A 183 -5.71 4.44 -0.88
CA GLU A 183 -6.99 3.81 -1.20
C GLU A 183 -7.17 3.52 -2.68
N HIS A 184 -7.83 2.39 -2.99
CA HIS A 184 -8.08 2.06 -4.38
C HIS A 184 -9.25 1.10 -4.57
N GLY A 185 -10.38 1.43 -3.95
CA GLY A 185 -11.57 0.62 -4.09
C GLY A 185 -11.48 -0.79 -3.55
N PHE A 186 -12.24 -1.69 -4.18
CA PHE A 186 -12.29 -3.08 -3.74
C PHE A 186 -11.30 -4.04 -4.38
N ASN A 187 -10.03 -3.72 -4.18
CA ASN A 187 -8.96 -4.57 -4.67
C ASN A 187 -8.91 -5.78 -3.75
N ALA A 188 -8.04 -6.73 -4.04
CA ALA A 188 -7.95 -7.95 -3.26
C ALA A 188 -7.79 -7.81 -1.75
N SER A 189 -6.88 -6.96 -1.28
CA SER A 189 -6.68 -6.84 0.16
C SER A 189 -7.84 -6.15 0.87
N THR A 190 -8.46 -5.17 0.23
CA THR A 190 -9.60 -4.50 0.83
C THR A 190 -10.75 -5.49 0.88
N PHE A 191 -10.91 -6.27 -0.18
CA PHE A 191 -11.99 -7.24 -0.21
C PHE A 191 -11.78 -8.33 0.84
N THR A 192 -10.54 -8.79 0.98
CA THR A 192 -10.24 -9.83 1.96
C THR A 192 -10.52 -9.31 3.37
N ALA A 193 -10.19 -8.04 3.61
CA ALA A 193 -10.44 -7.43 4.91
C ALA A 193 -11.93 -7.48 5.22
N ILE A 194 -12.75 -7.14 4.24
CA ILE A 194 -14.20 -7.15 4.41
C ILE A 194 -14.73 -8.58 4.55
N ALA A 195 -14.20 -9.50 3.75
CA ALA A 195 -14.63 -10.89 3.83
C ALA A 195 -14.39 -11.42 5.25
N ALA A 196 -13.23 -11.11 5.82
CA ALA A 196 -12.90 -11.56 7.16
C ALA A 196 -13.80 -10.85 8.18
N PHE A 197 -13.91 -9.54 8.06
CA PHE A 197 -14.73 -8.77 8.98
C PHE A 197 -16.22 -9.14 8.94
N SER A 198 -16.66 -9.74 7.84
CA SER A 198 -18.08 -10.09 7.71
C SER A 198 -18.61 -11.08 8.75
N THR A 199 -17.72 -11.76 9.48
CA THR A 199 -18.16 -12.68 10.53
C THR A 199 -18.13 -11.95 11.86
N GLU A 200 -17.86 -10.66 11.79
CA GLU A 200 -17.75 -9.76 12.94
C GLU A 200 -16.55 -10.06 13.83
N THR A 201 -15.48 -10.52 13.19
CA THR A 201 -14.24 -10.78 13.90
C THR A 201 -13.66 -9.39 14.23
N ASP A 202 -12.62 -9.36 15.05
CA ASP A 202 -12.01 -8.11 15.47
C ASP A 202 -11.19 -7.41 14.38
N LEU A 203 -10.87 -6.14 14.61
CA LEU A 203 -10.12 -5.36 13.63
C LEU A 203 -8.74 -5.93 13.32
N TYR A 204 -8.03 -6.42 14.34
CA TYR A 204 -6.70 -6.95 14.10
C TYR A 204 -6.77 -8.17 13.18
N SER A 205 -7.78 -9.01 13.39
CA SER A 205 -7.97 -10.17 12.54
C SER A 205 -8.21 -9.74 11.10
N ALA A 206 -9.10 -8.77 10.91
CA ALA A 206 -9.41 -8.29 9.56
C ALA A 206 -8.19 -7.66 8.88
N ILE A 207 -7.43 -6.88 9.64
CA ILE A 207 -6.26 -6.23 9.06
C ILE A 207 -5.15 -7.25 8.80
N THR A 208 -5.03 -8.26 9.66
CA THR A 208 -4.03 -9.30 9.45
C THR A 208 -4.38 -10.02 8.14
N ALA A 209 -5.67 -10.25 7.90
CA ALA A 209 -6.11 -10.90 6.68
C ALA A 209 -5.78 -10.01 5.47
N ALA A 210 -5.93 -8.70 5.64
CA ALA A 210 -5.63 -7.77 4.56
C ALA A 210 -4.15 -7.82 4.21
N VAL A 211 -3.30 -7.85 5.24
CA VAL A 211 -1.86 -7.91 5.03
C VAL A 211 -1.51 -9.22 4.31
N ALA A 212 -2.16 -10.31 4.74
CA ALA A 212 -1.94 -11.62 4.13
C ALA A 212 -2.24 -11.56 2.64
N SER A 213 -3.34 -10.91 2.29
CA SER A 213 -3.75 -10.77 0.89
C SER A 213 -2.75 -9.90 0.12
N LEU A 214 -2.44 -8.74 0.67
CA LEU A 214 -1.53 -7.80 0.01
C LEU A 214 -0.14 -8.41 -0.25
N LYS A 215 0.28 -9.32 0.60
CA LYS A 215 1.59 -9.96 0.45
C LYS A 215 1.72 -10.74 -0.87
N GLY A 216 0.60 -11.22 -1.40
CA GLY A 216 0.64 -11.98 -2.64
C GLY A 216 1.21 -11.17 -3.80
N PRO A 217 1.97 -11.79 -4.71
CA PRO A 217 2.54 -11.06 -5.84
C PRO A 217 1.56 -10.45 -6.85
N ARG A 218 0.35 -10.98 -6.91
CA ARG A 218 -0.65 -10.48 -7.84
C ARG A 218 -1.27 -9.13 -7.46
N HIS A 219 -0.95 -8.65 -6.28
CA HIS A 219 -1.53 -7.40 -5.79
C HIS A 219 -0.54 -6.64 -4.90
N GLY A 220 -0.32 -5.37 -5.20
CA GLY A 220 0.57 -4.56 -4.39
C GLY A 220 2.07 -4.73 -4.60
N GLY A 221 2.47 -5.34 -5.71
CA GLY A 221 3.89 -5.53 -5.96
C GLY A 221 4.31 -5.10 -7.35
N ALA A 222 3.51 -4.24 -7.98
CA ALA A 222 3.80 -3.77 -9.33
C ALA A 222 5.16 -3.10 -9.53
N ASN A 223 5.57 -2.23 -8.60
CA ASN A 223 6.85 -1.56 -8.74
C ASN A 223 8.06 -2.47 -8.60
N GLU A 224 7.85 -3.70 -8.13
CA GLU A 224 8.95 -4.64 -7.98
C GLU A 224 9.48 -5.04 -9.36
N ALA A 225 8.55 -5.25 -10.29
CA ALA A 225 8.90 -5.62 -11.65
C ALA A 225 9.71 -4.53 -12.33
N VAL A 226 9.38 -3.27 -12.01
CA VAL A 226 10.10 -2.14 -12.59
C VAL A 226 11.53 -2.08 -12.06
N MET A 227 11.68 -2.32 -10.77
CA MET A 227 13.02 -2.29 -10.17
C MET A 227 13.85 -3.45 -10.70
N ARG A 228 13.22 -4.61 -10.91
CA ARG A 228 13.90 -5.79 -11.45
C ARG A 228 14.40 -5.45 -12.87
N MET A 229 13.60 -4.66 -13.60
CA MET A 229 13.97 -4.24 -14.96
C MET A 229 15.21 -3.36 -14.88
N ILE A 230 15.19 -2.43 -13.94
CA ILE A 230 16.30 -1.51 -13.74
C ILE A 230 17.57 -2.27 -13.37
N GLN A 231 17.43 -3.30 -12.53
CA GLN A 231 18.58 -4.10 -12.13
C GLN A 231 19.10 -4.89 -13.33
N GLU A 232 18.19 -5.32 -14.19
CA GLU A 232 18.56 -6.07 -15.38
C GLU A 232 19.37 -5.18 -16.30
N ILE A 233 18.95 -3.93 -16.44
CA ILE A 233 19.65 -2.96 -17.27
C ILE A 233 21.04 -2.72 -16.69
N GLY A 234 21.10 -2.69 -15.36
CA GLY A 234 22.38 -2.51 -14.69
C GLY A 234 22.95 -1.11 -14.59
N THR A 235 23.22 -0.50 -15.74
CA THR A 235 23.79 0.84 -15.77
C THR A 235 23.07 1.77 -16.74
N PRO A 236 23.18 3.09 -16.52
CA PRO A 236 22.54 4.08 -17.40
C PRO A 236 23.07 3.98 -18.83
N GLU A 237 24.34 3.64 -18.96
CA GLU A 237 24.98 3.54 -20.26
C GLU A 237 24.39 2.46 -21.17
N ARG A 238 23.76 1.46 -20.58
CA ARG A 238 23.16 0.37 -21.35
C ARG A 238 21.64 0.49 -21.46
N ALA A 239 21.07 1.44 -20.74
CA ALA A 239 19.62 1.65 -20.73
C ALA A 239 18.98 1.92 -22.10
N ARG A 240 19.50 2.92 -22.81
CA ARG A 240 18.95 3.28 -24.12
C ARG A 240 18.96 2.12 -25.10
N GLU A 241 20.09 1.42 -25.18
CA GLU A 241 20.21 0.30 -26.09
C GLU A 241 19.31 -0.85 -25.65
N TRP A 242 19.19 -1.05 -24.34
CA TRP A 242 18.34 -2.11 -23.80
C TRP A 242 16.90 -1.89 -24.25
N VAL A 243 16.44 -0.64 -24.17
CA VAL A 243 15.08 -0.30 -24.56
C VAL A 243 14.83 -0.61 -26.03
N ARG A 244 15.77 -0.23 -26.89
CA ARG A 244 15.64 -0.48 -28.32
C ARG A 244 15.46 -1.96 -28.61
N GLU A 245 16.27 -2.79 -27.95
CA GLU A 245 16.21 -4.23 -28.14
C GLU A 245 14.86 -4.79 -27.69
N LYS A 246 14.36 -4.30 -26.56
CA LYS A 246 13.09 -4.75 -26.02
C LYS A 246 11.94 -4.41 -26.97
N LEU A 247 11.93 -3.18 -27.45
CA LEU A 247 10.90 -2.73 -28.38
C LEU A 247 10.98 -3.48 -29.70
N ALA A 248 12.20 -3.75 -30.14
CA ALA A 248 12.42 -4.48 -31.39
C ALA A 248 11.85 -5.88 -31.29
N LYS A 249 11.92 -6.46 -30.10
CA LYS A 249 11.41 -7.82 -29.87
C LYS A 249 9.94 -7.77 -29.46
N LYS A 250 9.35 -6.58 -29.53
CA LYS A 250 7.94 -6.39 -29.17
C LYS A 250 7.66 -6.86 -27.75
N GLU A 251 8.66 -6.71 -26.87
CA GLU A 251 8.51 -7.10 -25.48
C GLU A 251 8.09 -5.90 -24.63
N ARG A 252 7.23 -6.15 -23.65
CA ARG A 252 6.72 -5.10 -22.78
C ARG A 252 7.77 -4.45 -21.88
N ILE A 253 7.59 -3.15 -21.64
CA ILE A 253 8.48 -2.38 -20.78
C ILE A 253 7.72 -2.23 -19.46
N MET A 254 8.30 -2.73 -18.37
CA MET A 254 7.65 -2.64 -17.07
C MET A 254 7.29 -1.21 -16.68
N GLY A 255 6.08 -1.05 -16.14
CA GLY A 255 5.62 0.26 -15.72
C GLY A 255 4.99 1.10 -16.81
N MET A 256 4.97 0.59 -18.03
CA MET A 256 4.38 1.29 -19.16
C MET A 256 2.99 0.74 -19.46
N GLY A 257 1.99 1.62 -19.41
CA GLY A 257 0.62 1.18 -19.65
C GLY A 257 0.07 0.68 -18.33
N HIS A 258 -1.22 0.40 -18.27
CA HIS A 258 -1.83 -0.08 -17.03
C HIS A 258 -3.06 -0.93 -17.31
N ARG A 259 -3.30 -1.93 -16.47
CA ARG A 259 -4.43 -2.82 -16.64
C ARG A 259 -5.77 -2.11 -16.48
N VAL A 260 -5.81 -1.15 -15.58
CA VAL A 260 -7.03 -0.39 -15.29
C VAL A 260 -7.04 0.96 -16.01
N TYR A 261 -6.00 1.75 -15.79
CA TYR A 261 -5.91 3.06 -16.40
C TYR A 261 -5.42 2.96 -17.84
N LYS A 262 -6.38 2.99 -18.77
CA LYS A 262 -6.11 2.86 -20.19
C LYS A 262 -5.37 4.03 -20.82
N ALA A 263 -5.45 5.19 -20.18
CA ALA A 263 -4.73 6.37 -20.67
C ALA A 263 -3.75 6.74 -19.58
N PHE A 264 -3.99 7.86 -18.90
N PHE A 264 -4.01 7.86 -18.90
CA PHE A 264 -3.09 8.29 -17.84
CA PHE A 264 -3.16 8.33 -17.81
C PHE A 264 -3.49 7.69 -16.51
C PHE A 264 -3.50 7.62 -16.51
N ASP A 265 -2.47 7.39 -15.69
CA ASP A 265 -2.69 6.83 -14.36
C ASP A 265 -2.68 8.17 -13.64
N PRO A 266 -3.82 8.58 -13.05
CA PRO A 266 -3.91 9.87 -12.34
C PRO A 266 -2.95 10.05 -11.18
N ARG A 267 -2.33 8.95 -10.74
CA ARG A 267 -1.42 9.00 -9.61
C ARG A 267 0.04 9.25 -10.01
N ALA A 268 0.36 9.03 -11.29
CA ALA A 268 1.74 9.16 -11.75
C ALA A 268 2.34 10.56 -11.82
N GLY A 269 1.58 11.51 -12.35
CA GLY A 269 2.06 12.87 -12.51
C GLY A 269 2.67 13.56 -11.29
N VAL A 270 1.93 13.60 -10.20
CA VAL A 270 2.44 14.25 -9.00
C VAL A 270 3.71 13.58 -8.47
N LEU A 271 3.74 12.26 -8.51
CA LEU A 271 4.90 11.53 -8.01
C LEU A 271 6.13 11.80 -8.86
N GLU A 272 5.96 11.82 -10.17
CA GLU A 272 7.09 12.07 -11.07
C GLU A 272 7.71 13.43 -10.79
N LYS A 273 6.86 14.44 -10.60
CA LYS A 273 7.34 15.79 -10.33
C LYS A 273 8.10 15.88 -9.00
N LEU A 274 7.54 15.30 -7.95
CA LEU A 274 8.19 15.34 -6.66
C LEU A 274 9.48 14.54 -6.63
N ALA A 275 9.53 13.48 -7.42
CA ALA A 275 10.73 12.64 -7.49
C ALA A 275 11.85 13.46 -8.13
N ARG A 276 11.49 14.24 -9.14
CA ARG A 276 12.45 15.08 -9.84
C ARG A 276 13.04 16.11 -8.89
N LEU A 277 12.19 16.73 -8.08
CA LEU A 277 12.64 17.73 -7.12
C LEU A 277 13.63 17.14 -6.12
N VAL A 278 13.40 15.89 -5.70
CA VAL A 278 14.29 15.24 -4.75
C VAL A 278 15.62 14.93 -5.44
N ALA A 279 15.55 14.44 -6.68
CA ALA A 279 16.75 14.10 -7.45
C ALA A 279 17.60 15.33 -7.69
N GLU A 280 16.95 16.46 -7.97
CA GLU A 280 17.68 17.69 -8.23
C GLU A 280 18.37 18.26 -7.00
N LYS A 281 17.84 17.94 -5.81
CA LYS A 281 18.45 18.44 -4.58
C LYS A 281 19.43 17.47 -3.94
N HIS A 282 19.10 16.17 -3.97
CA HIS A 282 19.95 15.16 -3.37
C HIS A 282 20.80 14.36 -4.35
N GLY A 283 20.59 14.60 -5.64
CA GLY A 283 21.36 13.90 -6.65
C GLY A 283 20.60 12.80 -7.36
N HIS A 284 20.99 12.51 -8.59
CA HIS A 284 20.34 11.47 -9.38
C HIS A 284 21.01 10.13 -9.13
N SER A 285 20.26 9.20 -8.55
CA SER A 285 20.78 7.87 -8.27
C SER A 285 20.94 7.10 -9.57
N LYS A 286 21.67 6.00 -9.52
CA LYS A 286 21.87 5.15 -10.69
C LYS A 286 20.51 4.66 -11.17
N GLU A 287 19.64 4.31 -10.22
CA GLU A 287 18.30 3.83 -10.55
C GLU A 287 17.47 4.92 -11.22
N TYR A 288 17.55 6.14 -10.70
CA TYR A 288 16.80 7.26 -11.26
C TYR A 288 17.28 7.56 -12.68
N GLN A 289 18.59 7.58 -12.86
CA GLN A 289 19.17 7.85 -14.17
C GLN A 289 18.68 6.84 -15.20
N ILE A 290 18.72 5.56 -14.83
CA ILE A 290 18.27 4.51 -15.73
C ILE A 290 16.79 4.69 -16.04
N LEU A 291 16.00 4.96 -15.00
CA LEU A 291 14.56 5.16 -15.18
C LEU A 291 14.24 6.27 -16.17
N LYS A 292 14.91 7.41 -16.03
CA LYS A 292 14.66 8.55 -16.91
C LYS A 292 15.04 8.24 -18.36
N ILE A 293 16.10 7.47 -18.56
CA ILE A 293 16.52 7.13 -19.92
C ILE A 293 15.46 6.22 -20.53
N VAL A 294 14.96 5.27 -19.73
CA VAL A 294 13.93 4.36 -20.21
C VAL A 294 12.67 5.16 -20.54
N GLU A 295 12.32 6.09 -19.65
CA GLU A 295 11.15 6.94 -19.84
C GLU A 295 11.22 7.66 -21.18
N GLU A 296 12.36 8.29 -21.44
CA GLU A 296 12.57 9.04 -22.67
C GLU A 296 12.64 8.18 -23.92
N GLU A 297 13.52 7.18 -23.92
CA GLU A 297 13.68 6.32 -25.08
C GLU A 297 12.43 5.51 -25.41
N ALA A 298 11.85 4.87 -24.40
CA ALA A 298 10.64 4.08 -24.61
C ALA A 298 9.49 5.02 -24.98
N GLY A 299 9.48 6.21 -24.39
CA GLY A 299 8.42 7.17 -24.66
C GLY A 299 8.33 7.58 -26.13
N LYS A 300 9.47 7.64 -26.81
CA LYS A 300 9.49 8.03 -28.21
C LYS A 300 8.54 7.16 -29.03
N VAL A 301 8.44 5.89 -28.65
CA VAL A 301 7.59 4.94 -29.36
C VAL A 301 6.24 4.69 -28.68
N LEU A 302 6.25 4.66 -27.35
CA LEU A 302 5.03 4.38 -26.60
C LEU A 302 4.07 5.56 -26.40
N ASN A 303 4.59 6.77 -26.27
CA ASN A 303 3.72 7.93 -26.08
C ASN A 303 2.72 8.09 -27.23
N PRO A 304 3.20 7.98 -28.49
CA PRO A 304 2.26 8.12 -29.61
C PRO A 304 1.16 7.05 -29.58
N ARG A 305 1.47 5.91 -28.97
CA ARG A 305 0.52 4.81 -28.88
C ARG A 305 -0.39 4.92 -27.67
N GLY A 306 -0.20 5.97 -26.87
CA GLY A 306 -1.02 6.16 -25.69
C GLY A 306 -0.66 5.26 -24.54
N ILE A 307 0.57 4.75 -24.55
CA ILE A 307 1.06 3.87 -23.48
C ILE A 307 2.01 4.71 -22.64
N TYR A 308 1.51 5.18 -21.50
CA TYR A 308 2.29 6.04 -20.61
C TYR A 308 2.75 5.38 -19.33
N PRO A 309 3.81 5.91 -18.72
CA PRO A 309 4.30 5.33 -17.47
C PRO A 309 3.26 5.56 -16.37
N ASN A 310 3.02 4.51 -15.56
CA ASN A 310 2.05 4.61 -14.49
C ASN A 310 2.77 4.91 -13.17
N VAL A 311 2.02 4.97 -12.07
CA VAL A 311 2.62 5.28 -10.78
C VAL A 311 3.66 4.26 -10.34
N ASP A 312 3.49 3.01 -10.75
CA ASP A 312 4.40 1.93 -10.40
C ASP A 312 5.76 2.08 -11.09
N PHE A 313 5.78 2.84 -12.19
CA PHE A 313 7.01 3.08 -12.92
C PHE A 313 7.93 3.97 -12.09
N TYR A 314 7.34 4.85 -11.30
CA TYR A 314 8.10 5.80 -10.48
C TYR A 314 8.29 5.44 -9.01
N SER A 315 7.27 4.84 -8.40
CA SER A 315 7.31 4.55 -6.97
C SER A 315 8.47 3.69 -6.47
N GLY A 316 8.84 2.67 -7.24
CA GLY A 316 9.95 1.82 -6.82
C GLY A 316 11.24 2.61 -6.72
N VAL A 317 11.51 3.44 -7.72
CA VAL A 317 12.73 4.25 -7.71
C VAL A 317 12.64 5.26 -6.57
N VAL A 318 11.44 5.79 -6.33
CA VAL A 318 11.23 6.76 -5.26
C VAL A 318 11.62 6.14 -3.91
N TYR A 319 11.10 4.95 -3.64
CA TYR A 319 11.41 4.29 -2.37
C TYR A 319 12.89 3.95 -2.26
N SER A 320 13.49 3.52 -3.38
CA SER A 320 14.91 3.18 -3.40
C SER A 320 15.72 4.44 -3.08
N ASP A 321 15.35 5.55 -3.72
CA ASP A 321 16.04 6.82 -3.50
C ASP A 321 15.87 7.31 -2.08
N LEU A 322 14.79 6.90 -1.43
CA LEU A 322 14.53 7.31 -0.06
C LEU A 322 15.14 6.34 0.97
N GLY A 323 15.90 5.36 0.47
CA GLY A 323 16.57 4.42 1.34
C GLY A 323 16.05 3.00 1.51
N PHE A 324 14.97 2.66 0.82
CA PHE A 324 14.39 1.32 0.95
C PHE A 324 14.77 0.30 -0.11
N SER A 325 14.84 -0.96 0.31
CA SER A 325 15.15 -2.06 -0.60
C SER A 325 13.86 -2.58 -1.21
N LEU A 326 13.99 -3.35 -2.28
CA LEU A 326 12.84 -3.91 -2.97
C LEU A 326 11.87 -4.68 -2.07
N GLU A 327 12.41 -5.45 -1.13
CA GLU A 327 11.53 -6.23 -0.25
C GLU A 327 10.68 -5.37 0.70
N PHE A 328 10.95 -4.08 0.74
CA PHE A 328 10.16 -3.19 1.58
C PHE A 328 9.13 -2.39 0.80
N PHE A 329 9.06 -2.60 -0.51
CA PHE A 329 8.09 -1.87 -1.33
C PHE A 329 6.65 -2.18 -0.93
N THR A 330 6.29 -3.46 -0.84
CA THR A 330 4.93 -3.79 -0.46
C THR A 330 4.64 -3.32 0.98
N PRO A 331 5.63 -3.45 1.89
CA PRO A 331 5.34 -2.98 3.25
C PRO A 331 5.00 -1.48 3.25
N ILE A 332 5.69 -0.69 2.43
CA ILE A 332 5.40 0.74 2.34
C ILE A 332 3.98 0.93 1.80
N PHE A 333 3.60 0.09 0.83
CA PHE A 333 2.25 0.13 0.26
C PHE A 333 1.25 -0.05 1.41
N ALA A 334 1.54 -0.99 2.31
CA ALA A 334 0.67 -1.24 3.46
C ALA A 334 0.62 -0.07 4.44
N VAL A 335 1.76 0.60 4.61
CA VAL A 335 1.84 1.75 5.49
C VAL A 335 0.84 2.80 5.05
N ALA A 336 0.58 2.86 3.74
CA ALA A 336 -0.37 3.82 3.21
C ALA A 336 -1.79 3.26 3.19
N ARG A 337 -1.93 2.03 2.67
CA ARG A 337 -3.23 1.39 2.52
C ARG A 337 -4.01 1.09 3.80
N ILE A 338 -3.32 1.02 4.93
CA ILE A 338 -4.01 0.75 6.18
C ILE A 338 -5.15 1.76 6.40
N SER A 339 -4.97 3.00 5.93
CA SER A 339 -6.03 4.00 6.09
C SER A 339 -7.26 3.62 5.26
N GLY A 340 -7.03 3.18 4.02
CA GLY A 340 -8.14 2.76 3.19
C GLY A 340 -8.82 1.53 3.77
N TRP A 341 -8.04 0.60 4.30
CA TRP A 341 -8.62 -0.61 4.89
C TRP A 341 -9.55 -0.26 6.06
N VAL A 342 -9.06 0.58 6.97
CA VAL A 342 -9.88 0.97 8.12
C VAL A 342 -11.13 1.70 7.63
N GLY A 343 -10.96 2.61 6.67
CA GLY A 343 -12.10 3.34 6.14
C GLY A 343 -13.13 2.39 5.56
N HIS A 344 -12.67 1.37 4.86
CA HIS A 344 -13.57 0.40 4.25
C HIS A 344 -14.31 -0.45 5.27
N ILE A 345 -13.65 -0.80 6.36
CA ILE A 345 -14.31 -1.58 7.40
C ILE A 345 -15.41 -0.73 8.05
N LEU A 346 -15.10 0.53 8.34
CA LEU A 346 -16.09 1.42 8.93
C LEU A 346 -17.29 1.58 7.99
N GLU A 347 -17.00 1.79 6.71
CA GLU A 347 -18.09 1.97 5.74
C GLU A 347 -18.94 0.72 5.58
N TYR A 348 -18.29 -0.44 5.43
CA TYR A 348 -19.04 -1.67 5.26
C TYR A 348 -19.97 -1.90 6.44
N GLN A 349 -19.48 -1.65 7.64
CA GLN A 349 -20.29 -1.83 8.84
C GLN A 349 -21.50 -0.89 8.81
N GLU A 350 -21.25 0.35 8.42
CA GLU A 350 -22.31 1.36 8.36
C GLU A 350 -23.38 1.12 7.30
N LEU A 351 -22.95 0.79 6.09
CA LEU A 351 -23.86 0.61 4.97
C LEU A 351 -24.38 -0.78 4.64
N ASP A 352 -23.68 -1.82 5.08
CA ASP A 352 -24.07 -3.17 4.71
C ASP A 352 -24.00 -4.14 5.89
N ASN A 353 -22.77 -4.48 6.29
CA ASN A 353 -22.51 -5.34 7.44
C ASN A 353 -23.00 -6.79 7.34
N ARG A 354 -23.25 -7.27 6.13
CA ARG A 354 -23.71 -8.63 5.95
C ARG A 354 -22.60 -9.67 5.91
N LEU A 355 -22.89 -10.86 6.42
CA LEU A 355 -21.95 -11.97 6.38
C LEU A 355 -21.86 -12.36 4.91
N LEU A 356 -20.67 -12.56 4.38
CA LEU A 356 -20.55 -12.95 2.98
C LEU A 356 -20.81 -14.45 2.86
N ARG A 357 -21.71 -14.82 1.95
CA ARG A 357 -22.05 -16.23 1.77
C ARG A 357 -22.04 -16.71 0.32
N PRO A 358 -20.89 -16.58 -0.36
CA PRO A 358 -20.81 -17.03 -1.75
C PRO A 358 -20.81 -18.55 -1.79
N GLY A 359 -20.95 -19.12 -2.98
CA GLY A 359 -20.95 -20.56 -3.10
C GLY A 359 -20.19 -21.05 -4.31
N ALA A 360 -20.24 -22.35 -4.53
CA ALA A 360 -19.57 -22.97 -5.66
C ALA A 360 -20.51 -23.96 -6.34
N LYS A 361 -20.32 -24.13 -7.65
CA LYS A 361 -21.13 -25.09 -8.39
C LYS A 361 -20.52 -26.45 -8.08
N TYR A 362 -21.33 -27.38 -7.61
CA TYR A 362 -20.81 -28.70 -7.30
C TYR A 362 -20.66 -29.55 -8.55
N VAL A 363 -19.44 -30.05 -8.77
CA VAL A 363 -19.15 -30.88 -9.93
C VAL A 363 -18.49 -32.18 -9.47
N GLY A 364 -18.73 -32.54 -8.22
CA GLY A 364 -18.16 -33.76 -7.66
C GLY A 364 -19.07 -34.95 -7.79
N GLU A 365 -18.79 -36.00 -7.01
N GLU A 365 -18.78 -36.00 -7.03
CA GLU A 365 -19.57 -37.22 -7.06
CA GLU A 365 -19.55 -37.23 -7.04
C GLU A 365 -20.57 -37.31 -5.90
C GLU A 365 -20.56 -37.31 -5.90
N LEU A 366 -21.49 -38.25 -6.01
CA LEU A 366 -22.52 -38.45 -5.00
C LEU A 366 -22.65 -39.94 -4.72
N ASP A 367 -23.03 -40.28 -3.49
CA ASP A 367 -23.22 -41.66 -3.08
C ASP A 367 -22.01 -42.56 -3.32
N VAL A 368 -20.83 -42.04 -2.97
CA VAL A 368 -19.61 -42.82 -3.08
C VAL A 368 -19.58 -43.65 -1.81
N PRO A 369 -19.33 -44.96 -1.94
CA PRO A 369 -19.30 -45.81 -0.75
C PRO A 369 -18.05 -45.70 0.11
N TYR A 370 -18.24 -45.88 1.42
CA TYR A 370 -17.11 -45.88 2.32
C TYR A 370 -16.61 -47.32 2.19
N VAL A 371 -15.57 -47.50 1.38
CA VAL A 371 -15.01 -48.81 1.14
C VAL A 371 -14.16 -49.31 2.30
N PRO A 372 -14.38 -50.56 2.75
CA PRO A 372 -13.61 -51.11 3.85
C PRO A 372 -12.12 -50.99 3.52
N LEU A 373 -11.32 -50.66 4.53
CA LEU A 373 -9.88 -50.48 4.33
C LEU A 373 -9.22 -51.56 3.48
N GLU A 374 -9.47 -52.82 3.81
CA GLU A 374 -8.87 -53.94 3.08
C GLU A 374 -9.33 -54.09 1.63
N ALA A 375 -10.49 -53.51 1.30
CA ALA A 375 -11.03 -53.60 -0.04
C ALA A 375 -10.54 -52.53 -1.01
N ARG A 376 -9.64 -51.67 -0.53
CA ARG A 376 -9.11 -50.61 -1.38
C ARG A 376 -7.79 -51.06 -1.98
S SO4 B . 22.39 4.91 12.88
O1 SO4 B . 23.45 3.89 12.79
O2 SO4 B . 21.52 4.84 11.69
O3 SO4 B . 21.58 4.67 14.09
O4 SO4 B . 23.00 6.25 12.96
C CO3 C . -4.89 -1.44 -5.67
O1 CO3 C . -5.33 -1.88 -4.58
O2 CO3 C . -5.35 -1.82 -6.83
O3 CO3 C . -3.97 -0.59 -5.58
C1 GOL D . -1.19 -0.92 -9.35
O1 GOL D . -1.11 0.23 -10.20
C2 GOL D . -1.70 -0.45 -7.93
O2 GOL D . -2.96 0.22 -8.09
C3 GOL D . -0.68 0.53 -7.28
O3 GOL D . 0.60 -0.08 -7.02
C1 GOL E . -17.48 5.49 6.76
O1 GOL E . -18.47 5.01 7.66
C2 GOL E . -17.36 7.05 6.91
O2 GOL E . -17.19 7.39 8.30
C3 GOL E . -18.63 7.75 6.36
O3 GOL E . -18.50 9.17 6.33
C1 GOL F . -16.23 6.91 13.51
O1 GOL F . -16.77 6.75 14.81
C2 GOL F . -16.67 8.31 12.96
O2 GOL F . -18.11 8.34 12.84
C3 GOL F . -16.03 8.56 11.57
O3 GOL F . -16.61 9.70 10.90
#